data_5D6E
#
_entry.id   5D6E
#
_cell.length_a   89.600
_cell.length_b   98.790
_cell.length_c   101.430
_cell.angle_alpha   90.00
_cell.angle_beta   90.00
_cell.angle_gamma   90.00
#
_symmetry.space_group_name_H-M   'C 2 2 21'
#
loop_
_entity.id
_entity.type
_entity.pdbx_description
1 polymer 'Methionine aminopeptidase 2'
2 non-polymer '(4R,7S)-7-hydroxy-1-(4-methoxybenzyl)-7-methyl-4,5,6,7-tetrahydro-1H-benzotriazol-4-yl propan-2-ylcarbamate'
3 non-polymer 'COBALT (II) ION'
4 non-polymer 'TERTIARY-BUTYL ALCOHOL'
5 water water
#
_entity_poly.entity_id   1
_entity_poly.type   'polypeptide(L)'
_entity_poly.pdbx_seq_one_letter_code
;GPKVQTDPPSVPICDLYPNGVFPKGQECEYPPTQDGRTAAWRTTSEEKKALDQASEEIWNDFREAAEAHRQVRKYVMSWI
KPGMTMIEICEKLEDCSRKLIKENGLNAGLAFPTGCSLNNCAAHYTPNAGDTTVLQYDDICKIDFGTHISGRIIDCAFTV
TFNPKYDTLLKAVKDATNTGIKCAGIDVRLCDVGEAIQEVMESYEVEIDGKTYQVKPIRNLNGHSIGQYRIHAGKTVPIV
KGGEATRMEEGEVYAIETFGSTGKGVVHDDMECSHYMKNFDVGHVPIRLPRTKHLLNVINENFGTLAFCRRWLDRLGESK
YLMALKNLCDLGIVDPYPPLCDIKGSYTAQFEHTILLRPTCKEVVSRGDDY
;
_entity_poly.pdbx_strand_id   A
#
loop_
_chem_comp.id
_chem_comp.type
_chem_comp.name
_chem_comp.formula
94A non-polymer '(4R,7S)-7-hydroxy-1-(4-methoxybenzyl)-7-methyl-4,5,6,7-tetrahydro-1H-benzotriazol-4-yl propan-2-ylcarbamate' 'C19 H26 N4 O4'
CO non-polymer 'COBALT (II) ION' 'Co 2'
TBU non-polymer 'TERTIARY-BUTYL ALCOHOL' 'C4 H10 O'
#
# COMPACT_ATOMS: atom_id res chain seq x y z
N PRO A 2 -14.60 19.84 -22.20
CA PRO A 2 -14.25 19.26 -20.88
C PRO A 2 -12.75 19.17 -20.63
N LYS A 3 -12.35 19.34 -19.37
CA LYS A 3 -10.92 19.12 -19.03
C LYS A 3 -10.55 17.64 -19.09
N VAL A 4 -9.44 17.37 -19.78
CA VAL A 4 -8.99 15.99 -20.02
C VAL A 4 -7.56 15.82 -19.50
N GLN A 5 -7.24 14.62 -19.03
CA GLN A 5 -5.86 14.35 -18.60
C GLN A 5 -4.83 14.49 -19.75
N THR A 6 -3.65 15.01 -19.42
CA THR A 6 -2.56 15.15 -20.38
C THR A 6 -1.77 13.87 -20.40
N ASP A 7 -0.89 13.77 -21.39
CA ASP A 7 0.05 12.66 -21.46
C ASP A 7 1.44 13.27 -21.69
N PRO A 8 2.38 13.22 -20.72
CA PRO A 8 2.20 12.57 -19.43
C PRO A 8 1.17 13.29 -18.53
N PRO A 9 0.59 12.57 -17.56
CA PRO A 9 -0.43 13.14 -16.67
C PRO A 9 0.09 14.31 -15.82
N SER A 10 -0.69 15.37 -15.79
CA SER A 10 -0.32 16.59 -15.03
C SER A 10 -1.49 17.31 -14.38
N VAL A 11 -2.70 17.00 -14.80
CA VAL A 11 -3.93 17.71 -14.35
C VAL A 11 -4.39 17.01 -13.05
N PRO A 12 -4.53 17.76 -11.97
CA PRO A 12 -5.11 17.24 -10.75
C PRO A 12 -6.43 16.47 -11.00
N ILE A 13 -6.60 15.36 -10.27
CA ILE A 13 -7.87 14.64 -10.33
C ILE A 13 -9.04 15.58 -10.00
N CYS A 14 -8.84 16.47 -9.04
CA CYS A 14 -9.96 17.34 -8.66
CA CYS A 14 -9.84 17.46 -8.63
C CYS A 14 -10.42 18.21 -9.85
N ASP A 15 -9.53 18.55 -10.77
CA ASP A 15 -9.92 19.36 -11.93
C ASP A 15 -10.62 18.55 -13.05
N LEU A 16 -10.43 17.23 -13.00
CA LEU A 16 -11.11 16.34 -13.93
C LEU A 16 -12.55 16.03 -13.57
N TYR A 17 -12.93 16.34 -12.34
CA TYR A 17 -14.29 16.13 -11.80
C TYR A 17 -14.80 17.44 -11.17
N PRO A 18 -15.21 18.42 -11.98
CA PRO A 18 -15.65 19.76 -11.49
C PRO A 18 -16.80 19.72 -10.48
N ASN A 19 -17.64 18.68 -10.59
CA ASN A 19 -18.74 18.48 -9.65
C ASN A 19 -18.30 17.97 -8.26
N GLY A 20 -17.04 17.54 -8.10
CA GLY A 20 -16.57 17.10 -6.78
C GLY A 20 -16.95 15.67 -6.45
N VAL A 21 -17.44 14.91 -7.43
CA VAL A 21 -17.88 13.52 -7.23
C VAL A 21 -16.95 12.59 -8.00
N PHE A 22 -16.21 11.80 -7.25
CA PHE A 22 -15.17 10.95 -7.83
C PHE A 22 -15.69 9.54 -8.11
N PRO A 23 -15.03 8.84 -9.07
CA PRO A 23 -15.59 7.54 -9.55
C PRO A 23 -15.52 6.44 -8.48
N LYS A 24 -16.59 5.66 -8.34
CA LYS A 24 -16.60 4.52 -7.45
C LYS A 24 -15.61 3.48 -7.96
N GLY A 25 -15.06 2.69 -7.04
CA GLY A 25 -14.31 1.50 -7.51
C GLY A 25 -15.30 0.37 -7.75
N GLN A 26 -14.80 -0.84 -7.69
CA GLN A 26 -15.61 -2.00 -7.95
C GLN A 26 -16.51 -2.27 -6.72
N GLU A 27 -17.82 -2.30 -6.94
CA GLU A 27 -18.74 -2.64 -5.86
C GLU A 27 -19.20 -4.06 -5.97
N CYS A 28 -19.22 -4.71 -4.83
CA CYS A 28 -19.42 -6.14 -4.68
C CYS A 28 -20.44 -6.35 -3.60
N GLU A 29 -21.38 -7.22 -3.91
CA GLU A 29 -22.22 -7.81 -2.87
C GLU A 29 -21.25 -8.54 -1.93
N TYR A 30 -21.56 -8.49 -0.66
CA TYR A 30 -20.78 -9.21 0.32
C TYR A 30 -20.95 -10.73 0.19
N PRO A 31 -19.93 -11.47 0.62
CA PRO A 31 -20.11 -12.92 0.46
C PRO A 31 -21.30 -13.50 1.25
N PRO A 32 -21.85 -14.68 0.80
CA PRO A 32 -22.81 -15.39 1.66
C PRO A 32 -22.18 -15.65 3.05
N THR A 33 -23.00 -15.57 4.10
CA THR A 33 -22.58 -15.93 5.45
C THR A 33 -22.52 -17.45 5.48
N GLN A 34 -22.09 -18.02 6.61
CA GLN A 34 -21.87 -19.47 6.72
C GLN A 34 -23.16 -20.28 6.54
N ASP A 35 -24.30 -19.63 6.79
CA ASP A 35 -25.66 -20.20 6.63
C ASP A 35 -26.04 -20.52 5.18
N GLY A 36 -25.46 -19.79 4.24
CA GLY A 36 -25.85 -19.86 2.84
C GLY A 36 -26.64 -18.62 2.49
N ARG A 37 -27.02 -17.85 3.51
CA ARG A 37 -27.77 -16.59 3.38
C ARG A 37 -26.95 -15.53 2.63
N THR A 38 -27.56 -14.93 1.60
CA THR A 38 -26.88 -13.89 0.82
C THR A 38 -26.91 -12.56 1.59
N ALA A 39 -26.11 -11.61 1.08
CA ALA A 39 -26.01 -10.23 1.57
C ALA A 39 -26.68 -9.22 0.58
N ALA A 40 -27.49 -9.75 -0.35
CA ALA A 40 -28.18 -8.89 -1.33
C ALA A 40 -29.13 -7.85 -0.68
N TRP A 41 -29.55 -8.15 0.56
CA TRP A 41 -30.42 -7.24 1.35
C TRP A 41 -29.75 -5.82 1.66
N ARG A 42 -28.43 -5.84 1.83
CA ARG A 42 -27.70 -4.61 2.13
C ARG A 42 -27.84 -3.63 0.94
N THR A 43 -27.81 -4.19 -0.28
CA THR A 43 -27.81 -3.38 -1.53
C THR A 43 -28.93 -2.32 -1.54
N THR A 44 -30.15 -2.70 -1.19
CA THR A 44 -31.22 -1.72 -1.15
C THR A 44 -31.56 -1.17 0.24
N SER A 45 -31.34 -1.96 1.30
CA SER A 45 -31.86 -1.61 2.64
C SER A 45 -31.74 -0.10 2.99
N GLU A 46 -32.81 0.36 3.66
CA GLU A 46 -33.02 1.79 3.96
C GLU A 46 -32.14 2.32 5.05
N GLU A 47 -32.05 1.62 6.16
CA GLU A 47 -31.16 2.05 7.22
C GLU A 47 -29.63 2.00 6.81
N LYS A 48 -29.26 1.00 6.01
CA LYS A 48 -27.90 0.85 5.56
C LYS A 48 -27.62 1.90 4.53
N LYS A 49 -28.59 2.19 3.68
CA LYS A 49 -28.43 3.15 2.66
C LYS A 49 -28.18 4.51 3.32
N ALA A 50 -28.93 4.82 4.40
CA ALA A 50 -28.79 6.14 5.03
C ALA A 50 -27.45 6.19 5.75
N LEU A 51 -27.05 5.09 6.41
CA LEU A 51 -25.78 5.04 7.12
C LEU A 51 -24.59 5.19 6.12
N ASP A 52 -24.73 4.56 4.96
CA ASP A 52 -23.76 4.68 3.86
CA ASP A 52 -23.75 4.70 3.86
C ASP A 52 -23.64 6.14 3.37
N GLN A 53 -24.78 6.72 3.06
CA GLN A 53 -24.86 8.11 2.60
C GLN A 53 -24.26 9.08 3.60
N ALA A 54 -24.41 8.80 4.88
CA ALA A 54 -23.91 9.69 5.91
C ALA A 54 -22.36 9.82 5.89
N SER A 55 -21.69 8.84 5.28
CA SER A 55 -20.22 8.87 5.15
C SER A 55 -19.79 9.12 3.75
N GLU A 56 -20.72 9.62 2.94
CA GLU A 56 -20.41 9.77 1.50
C GLU A 56 -19.18 10.67 1.28
N GLU A 57 -19.03 11.74 2.05
CA GLU A 57 -17.86 12.61 1.86
C GLU A 57 -16.51 11.89 2.09
N ILE A 58 -16.53 10.93 3.04
CA ILE A 58 -15.37 10.10 3.29
C ILE A 58 -15.08 9.18 2.11
N TRP A 59 -16.10 8.46 1.62
CA TRP A 59 -15.87 7.56 0.51
C TRP A 59 -15.40 8.34 -0.68
N ASN A 60 -15.98 9.52 -0.88
CA ASN A 60 -15.57 10.34 -1.98
C ASN A 60 -14.09 10.76 -1.93
N ASP A 61 -13.62 11.04 -0.73
CA ASP A 61 -12.16 11.34 -0.56
C ASP A 61 -11.26 10.14 -0.87
N PHE A 62 -11.66 8.95 -0.42
CA PHE A 62 -10.95 7.71 -0.86
C PHE A 62 -10.95 7.56 -2.36
N ARG A 63 -12.11 7.82 -2.98
CA ARG A 63 -12.21 7.71 -4.42
C ARG A 63 -11.34 8.64 -5.19
N GLU A 64 -11.23 9.90 -4.70
CA GLU A 64 -10.33 10.84 -5.34
C GLU A 64 -8.88 10.32 -5.27
N ALA A 65 -8.49 9.88 -4.10
CA ALA A 65 -7.14 9.33 -3.93
C ALA A 65 -6.87 8.10 -4.78
N ALA A 66 -7.93 7.29 -4.98
CA ALA A 66 -7.82 6.06 -5.76
C ALA A 66 -7.67 6.35 -7.23
N GLU A 67 -8.39 7.38 -7.69
CA GLU A 67 -8.26 7.80 -9.08
C GLU A 67 -6.88 8.30 -9.38
N ALA A 68 -6.31 9.08 -8.43
CA ALA A 68 -4.92 9.49 -8.57
C ALA A 68 -3.99 8.24 -8.64
N HIS A 69 -4.23 7.28 -7.77
CA HIS A 69 -3.38 6.08 -7.76
C HIS A 69 -3.46 5.32 -9.12
N ARG A 70 -4.67 5.19 -9.68
CA ARG A 70 -4.83 4.53 -10.96
C ARG A 70 -4.09 5.25 -12.05
N GLN A 71 -4.22 6.57 -12.08
CA GLN A 71 -3.58 7.32 -13.15
C GLN A 71 -2.04 7.31 -13.05
N VAL A 72 -1.56 7.45 -11.82
CA VAL A 72 -0.12 7.38 -11.61
C VAL A 72 0.44 6.00 -12.04
N ARG A 73 -0.19 4.93 -11.60
CA ARG A 73 0.38 3.62 -11.84
C ARG A 73 0.34 3.25 -13.33
N LYS A 74 -0.70 3.66 -14.07
CA LYS A 74 -0.75 3.42 -15.48
C LYS A 74 0.42 4.13 -16.14
N TYR A 75 0.70 5.34 -15.68
CA TYR A 75 1.84 6.12 -16.23
C TYR A 75 3.17 5.39 -15.93
N VAL A 76 3.33 4.98 -14.71
CA VAL A 76 4.54 4.26 -14.31
C VAL A 76 4.79 3.04 -15.17
N MET A 77 3.74 2.28 -15.41
N MET A 77 3.73 2.28 -15.41
N MET A 77 3.74 2.29 -15.42
CA MET A 77 3.87 1.03 -16.17
CA MET A 77 3.85 1.04 -16.19
CA MET A 77 3.88 1.06 -16.21
C MET A 77 4.26 1.30 -17.63
C MET A 77 4.33 1.32 -17.60
C MET A 77 4.38 1.34 -17.60
N SER A 78 4.00 2.52 -18.11
CA SER A 78 4.37 2.91 -19.47
C SER A 78 5.86 3.15 -19.67
N TRP A 79 6.57 3.52 -18.60
CA TRP A 79 7.97 3.88 -18.72
C TRP A 79 8.94 3.15 -17.86
N ILE A 80 8.48 2.43 -16.83
CA ILE A 80 9.49 1.77 -15.95
C ILE A 80 10.24 0.73 -16.75
N LYS A 81 11.56 0.79 -16.69
CA LYS A 81 12.41 -0.07 -17.54
C LYS A 81 13.70 -0.36 -16.83
N PRO A 82 14.28 -1.52 -17.12
CA PRO A 82 15.65 -1.72 -16.62
C PRO A 82 16.58 -0.66 -17.14
N GLY A 83 17.65 -0.38 -16.37
CA GLY A 83 18.52 0.71 -16.70
C GLY A 83 18.29 1.97 -15.93
N MET A 84 17.03 2.18 -15.54
CA MET A 84 16.73 3.31 -14.67
C MET A 84 17.29 3.05 -13.26
N THR A 85 17.77 4.10 -12.60
CA THR A 85 18.05 3.94 -11.17
C THR A 85 16.79 3.90 -10.36
N MET A 86 16.87 3.31 -9.19
CA MET A 86 15.73 3.27 -8.32
C MET A 86 15.30 4.71 -7.91
N ILE A 87 16.28 5.56 -7.67
CA ILE A 87 16.01 6.94 -7.37
C ILE A 87 15.21 7.61 -8.56
N GLU A 88 15.65 7.42 -9.82
CA GLU A 88 14.93 8.03 -10.94
C GLU A 88 13.51 7.53 -11.00
N ILE A 89 13.30 6.24 -10.69
CA ILE A 89 11.98 5.67 -10.75
C ILE A 89 11.08 6.29 -9.68
N CYS A 90 11.59 6.38 -8.46
CA CYS A 90 10.76 6.89 -7.36
C CYS A 90 10.46 8.37 -7.56
N GLU A 91 11.45 9.11 -8.00
CA GLU A 91 11.26 10.56 -8.20
C GLU A 91 10.23 10.84 -9.31
N LYS A 92 10.29 10.08 -10.39
CA LYS A 92 9.37 10.28 -11.49
CA LYS A 92 9.38 10.26 -11.51
C LYS A 92 7.94 9.93 -11.09
N LEU A 93 7.79 8.84 -10.35
CA LEU A 93 6.53 8.45 -9.80
C LEU A 93 5.97 9.48 -8.86
N GLU A 94 6.78 9.91 -7.92
CA GLU A 94 6.34 10.85 -6.89
C GLU A 94 5.98 12.20 -7.46
N ASP A 95 6.71 12.66 -8.46
CA ASP A 95 6.43 13.96 -9.05
CA ASP A 95 6.41 13.96 -9.02
C ASP A 95 5.03 13.91 -9.64
N CYS A 96 4.70 12.78 -10.29
CA CYS A 96 3.38 12.66 -10.91
C CYS A 96 2.28 12.57 -9.81
N SER A 97 2.52 11.78 -8.78
CA SER A 97 1.58 11.62 -7.72
CA SER A 97 1.59 11.65 -7.64
C SER A 97 1.26 12.99 -7.02
N ARG A 98 2.31 13.76 -6.77
CA ARG A 98 2.13 15.07 -6.19
C ARG A 98 1.19 15.93 -7.04
N LYS A 99 1.42 15.90 -8.36
CA LYS A 99 0.60 16.73 -9.26
C LYS A 99 -0.85 16.28 -9.31
N LEU A 100 -1.02 14.96 -9.39
CA LEU A 100 -2.37 14.47 -9.62
C LEU A 100 -3.21 14.51 -8.31
N ILE A 101 -2.57 14.36 -7.15
CA ILE A 101 -3.30 14.45 -5.88
C ILE A 101 -3.50 15.92 -5.45
N LYS A 102 -2.85 16.82 -6.14
CA LYS A 102 -2.85 18.29 -5.83
C LYS A 102 -2.37 18.48 -4.42
N GLU A 103 -1.12 18.07 -4.21
CA GLU A 103 -0.54 18.08 -2.92
CA GLU A 103 -0.51 18.08 -2.88
C GLU A 103 -0.75 19.43 -2.23
N ASN A 104 -1.18 19.35 -0.97
CA ASN A 104 -1.54 20.52 -0.15
C ASN A 104 -1.35 20.22 1.31
N GLY A 105 -0.08 20.24 1.77
CA GLY A 105 0.21 19.93 3.16
C GLY A 105 -0.37 18.62 3.57
N LEU A 106 -1.02 18.61 4.74
CA LEU A 106 -1.63 17.44 5.25
C LEU A 106 -3.07 17.23 4.75
N ASN A 107 -3.53 18.16 3.91
CA ASN A 107 -4.86 18.04 3.34
CA ASN A 107 -4.87 18.05 3.32
C ASN A 107 -4.97 17.08 2.14
N ALA A 108 -3.87 16.90 1.42
CA ALA A 108 -3.85 16.05 0.21
C ALA A 108 -2.36 15.77 -0.05
N GLY A 109 -2.03 14.55 -0.36
CA GLY A 109 -0.62 14.27 -0.55
C GLY A 109 -0.29 12.83 -0.70
N LEU A 110 0.99 12.55 -0.45
CA LEU A 110 1.53 11.21 -0.56
C LEU A 110 1.44 10.57 0.84
N ALA A 111 0.86 9.38 0.91
CA ALA A 111 0.53 8.82 2.20
C ALA A 111 1.75 8.11 2.84
N PHE A 112 2.63 7.63 1.99
CA PHE A 112 3.84 6.95 2.44
C PHE A 112 4.81 6.83 1.29
N PRO A 113 6.12 6.56 1.62
CA PRO A 113 7.10 6.53 0.54
C PRO A 113 6.86 5.46 -0.52
N THR A 114 7.41 5.69 -1.69
CA THR A 114 7.32 4.72 -2.76
C THR A 114 8.22 3.53 -2.49
N GLY A 115 7.57 2.42 -2.27
CA GLY A 115 8.27 1.15 -2.19
C GLY A 115 8.68 0.71 -3.61
N CYS A 116 9.86 0.16 -3.75
CA CYS A 116 10.31 -0.40 -4.98
C CYS A 116 11.24 -1.62 -4.70
N SER A 117 10.84 -2.39 -3.70
CA SER A 117 11.62 -3.49 -3.16
C SER A 117 11.94 -4.52 -4.23
N LEU A 118 13.19 -4.99 -4.24
CA LEU A 118 13.69 -5.85 -5.33
C LEU A 118 14.01 -7.27 -4.88
N ASN A 119 13.52 -8.25 -5.65
CA ASN A 119 14.00 -9.66 -5.63
C ASN A 119 13.58 -10.28 -4.32
N ASN A 120 14.55 -10.66 -3.48
CA ASN A 120 14.19 -11.23 -2.19
C ASN A 120 13.62 -10.21 -1.24
N CYS A 121 13.84 -8.94 -1.46
CA CYS A 121 13.24 -7.99 -0.60
CA CYS A 121 13.26 -7.89 -0.64
C CYS A 121 11.80 -7.70 -1.03
N ALA A 122 10.93 -7.78 -0.04
CA ALA A 122 9.51 -7.77 -0.28
C ALA A 122 8.86 -6.40 -0.05
N ALA A 123 9.34 -5.64 0.94
CA ALA A 123 8.65 -4.44 1.37
C ALA A 123 9.63 -3.47 2.07
N HIS A 124 9.26 -2.19 2.01
CA HIS A 124 9.88 -1.15 2.80
C HIS A 124 11.27 -0.73 2.35
N TYR A 125 11.63 -1.01 1.10
CA TYR A 125 12.76 -0.44 0.44
C TYR A 125 12.35 0.71 -0.44
N THR A 126 12.92 1.90 -0.16
CA THR A 126 12.98 2.96 -1.14
C THR A 126 14.46 3.47 -1.03
N PRO A 127 15.04 3.96 -2.14
CA PRO A 127 16.39 4.42 -2.01
C PRO A 127 16.52 5.66 -1.12
N ASN A 128 17.62 5.67 -0.38
CA ASN A 128 18.10 6.89 0.23
C ASN A 128 19.02 7.64 -0.75
N ALA A 129 19.39 8.89 -0.38
CA ALA A 129 20.34 9.65 -1.23
C ALA A 129 21.59 8.82 -1.43
N GLY A 130 22.09 8.90 -2.64
CA GLY A 130 23.31 8.21 -2.97
C GLY A 130 23.22 6.80 -3.44
N ASP A 131 22.03 6.23 -3.32
CA ASP A 131 21.86 4.81 -3.67
C ASP A 131 22.04 4.74 -5.22
N THR A 132 22.95 3.88 -5.68
CA THR A 132 23.26 3.79 -7.12
C THR A 132 22.57 2.59 -7.78
N THR A 133 21.71 1.92 -7.04
CA THR A 133 21.03 0.72 -7.54
C THR A 133 20.27 1.03 -8.83
N VAL A 134 20.52 0.15 -9.82
CA VAL A 134 19.91 0.19 -11.13
C VAL A 134 18.98 -1.01 -11.29
N LEU A 135 17.75 -0.75 -11.79
CA LEU A 135 16.79 -1.81 -12.07
C LEU A 135 17.31 -2.71 -13.23
N GLN A 136 17.29 -4.01 -13.00
CA GLN A 136 17.78 -5.00 -13.97
C GLN A 136 16.66 -5.76 -14.68
N TYR A 137 17.02 -6.32 -15.82
CA TYR A 137 16.08 -7.15 -16.62
C TYR A 137 15.45 -8.29 -15.79
N ASP A 138 16.28 -8.96 -14.99
CA ASP A 138 15.83 -10.07 -14.17
C ASP A 138 15.24 -9.71 -12.83
N ASP A 139 15.08 -8.40 -12.57
CA ASP A 139 14.54 -7.99 -11.31
C ASP A 139 13.05 -8.17 -11.18
N ILE A 140 12.62 -8.43 -9.91
N ILE A 140 12.63 -8.46 -9.93
CA ILE A 140 11.19 -8.47 -9.60
CA ILE A 140 11.23 -8.40 -9.57
C ILE A 140 10.93 -7.37 -8.56
C ILE A 140 11.06 -7.26 -8.62
N CYS A 141 10.23 -6.31 -9.00
CA CYS A 141 10.17 -4.98 -8.27
C CYS A 141 8.75 -4.74 -7.80
N LYS A 142 8.55 -4.58 -6.49
CA LYS A 142 7.26 -4.36 -5.91
C LYS A 142 7.08 -2.87 -5.79
N ILE A 143 6.15 -2.30 -6.58
CA ILE A 143 5.82 -0.88 -6.53
C ILE A 143 4.64 -0.73 -5.62
N ASP A 144 4.88 -0.04 -4.51
CA ASP A 144 3.85 0.08 -3.44
C ASP A 144 3.87 1.56 -3.08
N PHE A 145 2.80 2.28 -3.40
CA PHE A 145 2.74 3.73 -3.11
C PHE A 145 1.36 4.07 -2.67
N GLY A 146 1.25 5.21 -1.97
CA GLY A 146 -0.04 5.58 -1.40
C GLY A 146 -0.30 7.07 -1.66
N THR A 147 -1.60 7.36 -1.74
CA THR A 147 -2.09 8.72 -1.88
C THR A 147 -3.13 8.94 -0.79
N HIS A 148 -3.41 10.20 -0.45
CA HIS A 148 -4.49 10.43 0.47
C HIS A 148 -5.13 11.77 0.20
N ILE A 149 -6.42 11.85 0.55
CA ILE A 149 -7.13 13.10 0.65
C ILE A 149 -7.67 13.18 2.04
N SER A 150 -7.33 14.27 2.77
CA SER A 150 -7.79 14.43 4.12
C SER A 150 -7.51 13.26 5.03
N GLY A 151 -6.38 12.58 4.76
CA GLY A 151 -5.98 11.45 5.57
C GLY A 151 -6.73 10.15 5.29
N ARG A 152 -7.52 10.15 4.22
CA ARG A 152 -8.19 8.94 3.70
C ARG A 152 -7.21 8.34 2.70
N ILE A 153 -6.59 7.25 3.13
CA ILE A 153 -5.43 6.68 2.46
C ILE A 153 -5.77 5.53 1.50
N ILE A 154 -5.17 5.57 0.31
CA ILE A 154 -5.18 4.48 -0.60
C ILE A 154 -3.76 3.82 -0.52
N ASP A 155 -3.75 2.51 -0.19
CA ASP A 155 -2.56 1.70 -0.17
C ASP A 155 -2.77 0.60 -1.20
N CYS A 156 -2.04 0.66 -2.31
CA CYS A 156 -2.27 -0.26 -3.40
C CYS A 156 -0.93 -0.49 -4.13
N ALA A 157 -0.70 -1.73 -4.55
CA ALA A 157 0.62 -2.16 -4.96
C ALA A 157 0.51 -3.29 -6.00
N PHE A 158 1.54 -3.32 -6.83
CA PHE A 158 1.68 -4.28 -7.86
C PHE A 158 3.15 -4.67 -8.09
N THR A 159 3.38 -5.73 -8.84
CA THR A 159 4.73 -6.21 -9.11
C THR A 159 5.09 -6.01 -10.58
N VAL A 160 6.26 -5.47 -10.81
CA VAL A 160 6.85 -5.17 -12.10
C VAL A 160 7.96 -6.22 -12.40
N THR A 161 7.87 -6.83 -13.57
CA THR A 161 8.88 -7.70 -14.11
C THR A 161 9.06 -7.41 -15.59
N PHE A 162 10.18 -7.94 -16.11
CA PHE A 162 10.48 -7.85 -17.50
C PHE A 162 10.72 -9.24 -18.16
N ASN A 163 11.15 -10.18 -17.35
CA ASN A 163 11.43 -11.53 -17.80
C ASN A 163 10.17 -12.36 -17.55
N PRO A 164 9.66 -13.07 -18.60
CA PRO A 164 8.46 -13.83 -18.42
C PRO A 164 8.57 -15.03 -17.47
N LYS A 165 9.79 -15.37 -17.04
CA LYS A 165 9.98 -16.46 -16.10
C LYS A 165 9.20 -16.32 -14.83
N TYR A 166 8.90 -15.04 -14.44
CA TYR A 166 8.14 -14.81 -13.22
C TYR A 166 6.63 -14.74 -13.42
N ASP A 167 6.12 -15.01 -14.64
CA ASP A 167 4.69 -14.76 -14.89
C ASP A 167 3.79 -15.58 -13.93
N THR A 168 4.06 -16.86 -13.75
N THR A 168 4.11 -16.85 -13.74
CA THR A 168 3.19 -17.66 -12.89
CA THR A 168 3.28 -17.69 -12.90
C THR A 168 3.30 -17.24 -11.43
C THR A 168 3.33 -17.29 -11.43
N LEU A 169 4.50 -16.82 -10.96
CA LEU A 169 4.61 -16.30 -9.58
C LEU A 169 3.70 -15.06 -9.38
N LEU A 170 3.71 -14.20 -10.39
CA LEU A 170 2.82 -13.00 -10.31
C LEU A 170 1.36 -13.41 -10.36
N LYS A 171 1.02 -14.38 -11.20
CA LYS A 171 -0.38 -14.86 -11.32
C LYS A 171 -0.86 -15.42 -10.01
N ALA A 172 0.05 -16.20 -9.32
CA ALA A 172 -0.32 -16.81 -8.06
C ALA A 172 -0.70 -15.76 -7.04
N VAL A 173 0.17 -14.75 -6.90
CA VAL A 173 0.00 -13.75 -5.84
C VAL A 173 -1.20 -12.87 -6.17
N LYS A 174 -1.37 -12.54 -7.45
CA LYS A 174 -2.58 -11.78 -7.91
C LYS A 174 -3.90 -12.51 -7.57
N ASP A 175 -3.88 -13.81 -7.83
CA ASP A 175 -5.06 -14.64 -7.56
C ASP A 175 -5.31 -14.70 -6.06
N ALA A 176 -4.22 -14.84 -5.29
CA ALA A 176 -4.32 -14.90 -3.85
C ALA A 176 -4.90 -13.57 -3.26
N THR A 177 -4.42 -12.45 -3.77
CA THR A 177 -4.93 -11.17 -3.34
C THR A 177 -6.42 -11.03 -3.66
N ASN A 178 -6.78 -11.40 -4.90
CA ASN A 178 -8.19 -11.37 -5.32
C ASN A 178 -9.08 -12.24 -4.48
N THR A 179 -8.53 -13.41 -4.08
CA THR A 179 -9.25 -14.33 -3.20
C THR A 179 -9.47 -13.69 -1.86
N GLY A 180 -8.42 -13.09 -1.29
CA GLY A 180 -8.57 -12.40 -0.05
C GLY A 180 -9.60 -11.29 -0.11
N ILE A 181 -9.58 -10.56 -1.22
CA ILE A 181 -10.59 -9.48 -1.41
C ILE A 181 -12.00 -10.03 -1.52
N LYS A 182 -12.15 -11.17 -2.24
CA LYS A 182 -13.47 -11.80 -2.36
CA LYS A 182 -13.46 -11.80 -2.35
C LYS A 182 -13.98 -12.29 -0.99
N CYS A 183 -13.07 -12.83 -0.18
CA CYS A 183 -13.42 -13.43 1.13
CA CYS A 183 -13.46 -13.41 1.11
C CYS A 183 -13.82 -12.37 2.15
N ALA A 184 -13.20 -11.22 2.06
CA ALA A 184 -13.43 -10.19 2.99
C ALA A 184 -14.88 -9.73 3.06
N GLY A 185 -15.29 -9.33 4.24
CA GLY A 185 -16.64 -8.84 4.36
C GLY A 185 -16.98 -8.50 5.81
N ILE A 186 -18.06 -7.81 6.01
CA ILE A 186 -18.53 -7.53 7.34
C ILE A 186 -18.87 -8.85 8.06
N ASP A 187 -18.39 -8.97 9.29
CA ASP A 187 -18.54 -10.17 10.13
C ASP A 187 -17.69 -11.37 9.70
N VAL A 188 -16.84 -11.21 8.69
CA VAL A 188 -15.90 -12.27 8.29
C VAL A 188 -14.71 -12.34 9.26
N ARG A 189 -14.34 -13.56 9.68
CA ARG A 189 -13.20 -13.73 10.58
CA ARG A 189 -13.20 -13.78 10.58
C ARG A 189 -11.90 -13.51 9.84
N LEU A 190 -11.02 -12.74 10.44
CA LEU A 190 -9.79 -12.43 9.76
C LEU A 190 -8.98 -13.70 9.46
N CYS A 191 -9.08 -14.69 10.32
CA CYS A 191 -8.27 -15.92 10.12
C CYS A 191 -8.76 -16.68 8.90
N ASP A 192 -10.02 -16.54 8.60
CA ASP A 192 -10.59 -17.22 7.43
C ASP A 192 -10.07 -16.62 6.13
N VAL A 193 -9.86 -15.31 6.11
CA VAL A 193 -9.25 -14.61 4.99
C VAL A 193 -7.85 -15.15 4.78
N GLY A 194 -7.07 -15.26 5.84
CA GLY A 194 -5.73 -15.83 5.70
C GLY A 194 -5.70 -17.24 5.20
N GLU A 195 -6.56 -18.10 5.71
CA GLU A 195 -6.58 -19.46 5.26
CA GLU A 195 -6.67 -19.48 5.22
C GLU A 195 -6.95 -19.52 3.75
N ALA A 196 -7.89 -18.70 3.31
CA ALA A 196 -8.34 -18.70 1.93
C ALA A 196 -7.20 -18.23 1.00
N ILE A 197 -6.52 -17.17 1.43
CA ILE A 197 -5.37 -16.63 0.66
C ILE A 197 -4.31 -17.77 0.51
N GLN A 198 -3.98 -18.41 1.60
CA GLN A 198 -2.94 -19.42 1.56
C GLN A 198 -3.31 -20.63 0.70
N GLU A 199 -4.54 -21.06 0.78
CA GLU A 199 -4.98 -22.20 -0.06
C GLU A 199 -4.78 -21.88 -1.53
N VAL A 200 -5.18 -20.67 -1.96
CA VAL A 200 -4.95 -20.30 -3.32
C VAL A 200 -3.48 -20.22 -3.67
N MET A 201 -2.70 -19.53 -2.84
N MET A 201 -2.72 -19.50 -2.83
CA MET A 201 -1.37 -19.27 -3.22
CA MET A 201 -1.31 -19.26 -3.08
C MET A 201 -0.59 -20.59 -3.37
C MET A 201 -0.57 -20.56 -3.32
N GLU A 202 -0.83 -21.53 -2.46
CA GLU A 202 -0.10 -22.75 -2.46
CA GLU A 202 -0.10 -22.77 -2.47
C GLU A 202 -0.63 -23.77 -3.51
N SER A 203 -1.74 -23.43 -4.21
CA SER A 203 -2.23 -24.25 -5.31
C SER A 203 -1.35 -24.08 -6.57
N TYR A 204 -0.44 -23.15 -6.53
CA TYR A 204 0.43 -22.81 -7.66
C TYR A 204 1.85 -23.38 -7.45
N GLU A 205 2.41 -23.84 -8.54
CA GLU A 205 3.79 -24.20 -8.62
CA GLU A 205 3.80 -24.22 -8.63
C GLU A 205 4.42 -23.41 -9.74
N VAL A 206 5.67 -23.01 -9.57
CA VAL A 206 6.36 -22.22 -10.59
C VAL A 206 7.76 -22.78 -10.87
N GLU A 207 8.26 -22.53 -12.05
CA GLU A 207 9.56 -22.98 -12.43
C GLU A 207 10.34 -21.73 -12.89
N ILE A 208 11.48 -21.50 -12.24
CA ILE A 208 12.33 -20.36 -12.52
C ILE A 208 13.77 -20.89 -12.60
N ASP A 209 14.37 -20.70 -13.77
CA ASP A 209 15.75 -21.13 -14.05
C ASP A 209 16.00 -22.57 -13.69
N GLY A 210 15.05 -23.38 -14.15
CA GLY A 210 15.17 -24.82 -14.01
C GLY A 210 14.92 -25.40 -12.63
N LYS A 211 14.48 -24.58 -11.67
CA LYS A 211 14.13 -25.06 -10.34
C LYS A 211 12.64 -24.88 -10.19
N THR A 212 12.01 -25.81 -9.51
CA THR A 212 10.57 -25.70 -9.21
C THR A 212 10.33 -25.31 -7.78
N TYR A 213 9.27 -24.55 -7.58
CA TYR A 213 8.87 -24.11 -6.25
C TYR A 213 7.40 -24.16 -6.07
N GLN A 214 6.95 -24.41 -4.85
CA GLN A 214 5.57 -24.16 -4.48
C GLN A 214 5.55 -22.75 -3.88
N VAL A 215 4.69 -21.86 -4.35
CA VAL A 215 4.65 -20.48 -3.90
C VAL A 215 4.21 -20.44 -2.45
N LYS A 216 5.00 -19.78 -1.60
CA LYS A 216 4.70 -19.70 -0.20
C LYS A 216 4.22 -18.27 0.12
N PRO A 217 3.15 -18.13 0.88
CA PRO A 217 2.85 -16.78 1.43
C PRO A 217 3.96 -16.39 2.42
N ILE A 218 4.24 -15.13 2.49
CA ILE A 218 5.22 -14.65 3.48
C ILE A 218 4.45 -14.51 4.80
N ARG A 219 4.71 -15.42 5.70
CA ARG A 219 3.83 -15.60 6.89
C ARG A 219 3.77 -14.46 7.83
N ASN A 220 4.85 -13.68 7.89
CA ASN A 220 4.95 -12.54 8.82
C ASN A 220 4.73 -11.17 8.15
N LEU A 221 4.19 -11.19 6.94
CA LEU A 221 3.60 -10.03 6.35
C LEU A 221 2.07 -10.16 6.34
N ASN A 222 1.41 -9.04 6.39
CA ASN A 222 -0.03 -9.02 6.64
C ASN A 222 -0.67 -7.79 6.03
N GLY A 223 -1.93 -7.98 5.66
CA GLY A 223 -2.86 -6.87 5.41
C GLY A 223 -3.19 -6.15 6.70
N HIS A 224 -3.87 -5.03 6.57
CA HIS A 224 -4.07 -4.16 7.72
C HIS A 224 -5.26 -3.28 7.54
N SER A 225 -5.97 -3.03 8.62
CA SER A 225 -6.96 -1.97 8.61
C SER A 225 -6.25 -0.59 8.48
N ILE A 226 -7.02 0.40 8.05
CA ILE A 226 -6.56 1.74 7.75
C ILE A 226 -7.45 2.71 8.48
N GLY A 227 -6.88 3.68 9.16
CA GLY A 227 -7.60 4.73 9.86
C GLY A 227 -7.18 6.11 9.32
N GLN A 228 -7.85 7.16 9.74
CA GLN A 228 -7.53 8.48 9.27
C GLN A 228 -6.10 8.87 9.66
N TYR A 229 -5.28 9.18 8.65
CA TYR A 229 -3.85 9.46 8.88
C TYR A 229 -3.11 8.33 9.55
N ARG A 230 -3.64 7.10 9.40
CA ARG A 230 -3.16 5.95 10.14
C ARG A 230 -3.09 4.70 9.27
N ILE A 231 -1.94 4.53 8.61
CA ILE A 231 -1.79 3.50 7.60
C ILE A 231 -2.07 2.11 8.18
N HIS A 232 -1.69 1.86 9.42
CA HIS A 232 -1.94 0.61 10.08
CA HIS A 232 -1.97 0.58 10.04
C HIS A 232 -2.70 0.88 11.33
N ALA A 233 -4.02 0.67 11.28
CA ALA A 233 -4.87 1.05 12.38
C ALA A 233 -5.07 0.05 13.45
N GLY A 234 -4.48 -1.08 13.31
CA GLY A 234 -4.39 -1.99 14.42
C GLY A 234 -4.96 -3.37 14.23
N LYS A 235 -5.79 -3.58 13.22
CA LYS A 235 -6.24 -4.94 12.84
C LYS A 235 -5.40 -5.46 11.73
N THR A 236 -5.01 -6.73 11.83
CA THR A 236 -4.10 -7.38 10.92
C THR A 236 -4.87 -8.46 10.14
N VAL A 237 -4.61 -8.52 8.86
CA VAL A 237 -5.18 -9.56 7.97
C VAL A 237 -4.10 -10.55 7.61
N PRO A 238 -4.14 -11.73 8.22
CA PRO A 238 -3.08 -12.73 7.91
C PRO A 238 -3.17 -13.23 6.48
N ILE A 239 -2.07 -13.80 6.02
CA ILE A 239 -2.06 -14.42 4.72
C ILE A 239 -1.71 -15.89 4.81
N VAL A 240 -1.72 -16.43 6.01
CA VAL A 240 -1.59 -17.85 6.24
C VAL A 240 -2.68 -18.24 7.24
N LYS A 241 -2.92 -19.53 7.33
CA LYS A 241 -3.79 -20.06 8.33
C LYS A 241 -3.27 -19.83 9.73
N GLY A 242 -4.15 -20.01 10.72
CA GLY A 242 -3.66 -20.00 12.15
C GLY A 242 -3.72 -18.66 12.88
N GLY A 243 -4.35 -17.67 12.24
CA GLY A 243 -4.47 -16.32 12.79
C GLY A 243 -5.57 -16.13 13.82
N GLU A 244 -5.93 -14.85 14.05
CA GLU A 244 -6.99 -14.53 15.05
C GLU A 244 -8.38 -14.56 14.40
N ALA A 245 -9.37 -15.00 15.19
CA ALA A 245 -10.78 -15.09 14.70
C ALA A 245 -11.61 -13.76 14.87
N THR A 246 -10.92 -12.68 15.24
CA THR A 246 -11.47 -11.30 15.21
C THR A 246 -12.12 -11.05 13.86
N ARG A 247 -13.27 -10.36 13.91
CA ARG A 247 -14.09 -10.11 12.77
C ARG A 247 -13.87 -8.72 12.18
N MET A 248 -13.99 -8.67 10.86
CA MET A 248 -14.12 -7.41 10.16
C MET A 248 -15.48 -6.75 10.46
N GLU A 249 -15.49 -5.42 10.52
CA GLU A 249 -16.69 -4.63 10.93
C GLU A 249 -17.13 -3.64 9.87
N GLU A 250 -18.42 -3.29 9.92
CA GLU A 250 -18.98 -2.33 9.02
C GLU A 250 -18.26 -0.98 9.21
N GLY A 251 -17.93 -0.37 8.07
CA GLY A 251 -17.30 0.94 8.08
C GLY A 251 -15.79 0.92 8.11
N GLU A 252 -15.19 -0.25 8.37
CA GLU A 252 -13.72 -0.35 8.35
C GLU A 252 -13.22 -0.27 6.91
N VAL A 253 -11.92 0.01 6.81
CA VAL A 253 -11.19 0.13 5.57
C VAL A 253 -10.02 -0.81 5.76
N TYR A 254 -9.76 -1.66 4.75
CA TYR A 254 -8.62 -2.56 4.79
C TYR A 254 -7.75 -2.46 3.56
N ALA A 255 -6.44 -2.65 3.84
CA ALA A 255 -5.51 -2.91 2.77
C ALA A 255 -5.34 -4.45 2.76
N ILE A 256 -5.80 -5.09 1.72
CA ILE A 256 -5.62 -6.52 1.51
C ILE A 256 -4.39 -6.69 0.68
N GLU A 257 -3.31 -6.99 1.39
CA GLU A 257 -2.05 -7.29 0.71
C GLU A 257 -1.73 -8.78 0.81
N THR A 258 -1.12 -9.29 -0.24
CA THR A 258 -0.49 -10.61 -0.16
C THR A 258 0.84 -10.59 -0.85
N PHE A 259 1.71 -11.46 -0.31
CA PHE A 259 3.08 -11.60 -0.73
C PHE A 259 3.33 -13.10 -0.88
N GLY A 260 3.97 -13.46 -1.97
CA GLY A 260 4.40 -14.82 -2.26
C GLY A 260 5.90 -14.88 -2.39
N SER A 261 6.50 -16.01 -2.00
CA SER A 261 7.93 -16.16 -2.09
C SER A 261 8.35 -17.54 -2.50
N THR A 262 9.48 -17.60 -3.20
CA THR A 262 10.17 -18.89 -3.53
C THR A 262 11.22 -19.24 -2.44
N GLY A 263 11.33 -18.39 -1.38
CA GLY A 263 12.28 -18.65 -0.32
C GLY A 263 11.66 -19.35 0.89
N LYS A 264 12.07 -18.86 2.04
CA LYS A 264 11.59 -19.37 3.29
C LYS A 264 10.14 -19.05 3.57
N GLY A 265 9.66 -17.97 2.95
CA GLY A 265 8.33 -17.50 3.28
C GLY A 265 8.30 -16.72 4.60
N VAL A 266 9.43 -16.13 5.00
CA VAL A 266 9.51 -15.33 6.20
C VAL A 266 10.50 -14.20 5.85
N VAL A 267 10.17 -13.00 6.30
CA VAL A 267 11.05 -11.84 6.12
C VAL A 267 11.80 -11.51 7.41
N HIS A 268 12.95 -10.92 7.26
CA HIS A 268 13.72 -10.30 8.34
C HIS A 268 14.17 -8.91 7.92
N ASP A 269 14.56 -8.09 8.87
CA ASP A 269 15.05 -6.74 8.60
C ASP A 269 16.42 -6.82 7.89
N ASP A 270 16.64 -6.00 6.90
CA ASP A 270 17.93 -6.06 6.18
C ASP A 270 18.15 -4.81 5.48
N MET A 271 19.39 -4.39 5.32
CA MET A 271 19.77 -3.18 4.55
C MET A 271 19.48 -1.90 5.37
N GLU A 272 19.88 -0.80 4.80
CA GLU A 272 19.78 0.47 5.44
C GLU A 272 18.29 0.88 5.48
N CYS A 273 17.88 1.47 6.61
CA CYS A 273 16.53 1.97 6.74
C CYS A 273 16.30 3.25 5.95
N SER A 274 15.13 3.31 5.27
CA SER A 274 14.68 4.50 4.58
C SER A 274 13.35 5.03 5.07
N HIS A 275 12.51 4.15 5.58
CA HIS A 275 11.13 4.46 5.98
C HIS A 275 11.01 4.66 7.51
N TYR A 276 10.29 5.73 7.87
CA TYR A 276 10.02 6.06 9.27
C TYR A 276 8.62 6.63 9.40
N MET A 277 8.09 6.55 10.62
CA MET A 277 6.76 7.13 10.87
C MET A 277 6.60 7.38 12.36
N LYS A 278 6.07 8.56 12.68
CA LYS A 278 5.68 8.85 14.04
C LYS A 278 4.78 7.76 14.63
N ASN A 279 5.02 7.42 15.90
CA ASN A 279 4.11 6.54 16.62
C ASN A 279 2.84 7.32 16.90
N PHE A 280 1.72 6.74 16.47
CA PHE A 280 0.43 7.38 16.46
C PHE A 280 -0.01 7.63 17.90
N ASP A 281 0.41 6.77 18.81
CA ASP A 281 -0.05 6.83 20.21
C ASP A 281 0.79 7.74 21.07
N VAL A 282 1.90 8.23 20.57
CA VAL A 282 2.76 9.05 21.39
C VAL A 282 2.29 10.48 21.18
N GLY A 283 2.13 11.15 22.30
CA GLY A 283 1.61 12.51 22.29
C GLY A 283 2.77 13.48 22.27
N HIS A 284 2.51 14.68 22.75
CA HIS A 284 3.50 15.76 22.78
C HIS A 284 4.63 15.40 23.75
N VAL A 285 5.86 15.61 23.30
CA VAL A 285 7.05 15.39 24.09
C VAL A 285 7.86 16.66 23.91
N PRO A 286 8.06 17.39 24.99
CA PRO A 286 8.93 18.56 24.89
C PRO A 286 10.39 18.12 24.65
N ILE A 287 11.01 18.77 23.67
CA ILE A 287 12.41 18.53 23.34
C ILE A 287 13.19 19.83 23.33
N ARG A 288 14.28 19.87 24.11
CA ARG A 288 15.16 21.03 24.17
C ARG A 288 16.34 20.88 23.20
N LEU A 289 16.83 19.66 22.97
CA LEU A 289 17.97 19.45 22.03
C LEU A 289 17.65 20.06 20.64
N PRO A 290 18.45 21.00 20.16
CA PRO A 290 17.90 21.85 19.08
C PRO A 290 17.70 21.13 17.74
N ARG A 291 18.64 20.27 17.32
CA ARG A 291 18.52 19.62 16.03
CA ARG A 291 18.52 19.60 16.03
C ARG A 291 17.39 18.59 16.08
N THR A 292 17.21 17.95 17.24
CA THR A 292 16.18 16.99 17.39
C THR A 292 14.79 17.69 17.44
N LYS A 293 14.69 18.79 18.18
CA LYS A 293 13.47 19.64 18.22
C LYS A 293 13.12 20.09 16.81
N HIS A 294 14.06 20.60 16.05
CA HIS A 294 13.78 21.06 14.74
C HIS A 294 13.29 19.99 13.81
N LEU A 295 13.92 18.84 13.87
CA LEU A 295 13.49 17.72 13.01
C LEU A 295 12.10 17.28 13.39
N LEU A 296 11.78 17.17 14.67
CA LEU A 296 10.48 16.76 15.05
C LEU A 296 9.42 17.75 14.53
N ASN A 297 9.73 19.04 14.64
CA ASN A 297 8.83 20.06 14.11
C ASN A 297 8.61 19.90 12.61
N VAL A 298 9.69 19.66 11.84
CA VAL A 298 9.58 19.42 10.43
C VAL A 298 8.68 18.20 10.13
N ILE A 299 8.83 17.14 10.90
CA ILE A 299 8.00 15.93 10.73
C ILE A 299 6.53 16.27 11.05
N ASN A 300 6.27 16.94 12.18
CA ASN A 300 4.93 17.29 12.54
C ASN A 300 4.24 18.18 11.55
N GLU A 301 4.99 19.11 10.94
CA GLU A 301 4.39 20.06 9.97
C GLU A 301 4.08 19.34 8.64
N ASN A 302 4.97 18.44 8.20
CA ASN A 302 4.96 17.90 6.83
C ASN A 302 4.33 16.54 6.70
N PHE A 303 4.42 15.74 7.75
CA PHE A 303 3.95 14.36 7.71
C PHE A 303 2.90 14.01 8.75
N GLY A 304 2.95 14.65 9.90
CA GLY A 304 2.12 14.27 11.03
C GLY A 304 2.36 12.79 11.39
N THR A 305 1.30 11.98 11.32
CA THR A 305 1.38 10.55 11.58
C THR A 305 1.51 9.72 10.33
N LEU A 306 1.68 10.38 9.17
CA LEU A 306 1.95 9.65 7.95
C LEU A 306 3.42 9.27 7.80
N ALA A 307 3.72 8.20 7.10
CA ALA A 307 5.07 7.76 6.93
C ALA A 307 5.82 8.68 5.98
N PHE A 308 7.15 8.68 6.21
CA PHE A 308 8.06 9.45 5.39
C PHE A 308 9.36 8.70 5.21
N CYS A 309 10.20 9.24 4.33
CA CYS A 309 11.52 8.62 4.08
C CYS A 309 12.62 9.70 4.13
N ARG A 310 13.87 9.24 4.15
CA ARG A 310 14.97 10.19 4.18
CA ARG A 310 14.94 10.20 4.22
C ARG A 310 15.00 11.11 2.97
N ARG A 311 14.63 10.60 1.79
CA ARG A 311 14.63 11.46 0.61
C ARG A 311 13.65 12.63 0.75
N TRP A 312 12.57 12.39 1.48
CA TRP A 312 11.55 13.43 1.67
C TRP A 312 12.01 14.49 2.66
N LEU A 313 12.91 14.10 3.56
CA LEU A 313 13.57 15.10 4.41
C LEU A 313 14.56 15.91 3.60
N ASP A 314 15.36 15.23 2.81
CA ASP A 314 16.36 15.88 1.96
C ASP A 314 15.68 16.99 1.10
N ARG A 315 14.52 16.66 0.53
CA ARG A 315 13.85 17.55 -0.38
C ARG A 315 13.34 18.83 0.31
N LEU A 316 13.08 18.73 1.60
CA LEU A 316 12.72 19.87 2.42
C LEU A 316 13.89 20.75 2.86
N GLY A 317 15.09 20.41 2.43
CA GLY A 317 16.26 21.16 2.77
C GLY A 317 16.96 20.71 4.03
N GLU A 318 16.55 19.60 4.60
CA GLU A 318 17.20 19.14 5.78
C GLU A 318 18.48 18.40 5.43
N SER A 319 19.54 18.59 6.25
CA SER A 319 20.74 17.84 6.08
C SER A 319 21.38 17.53 7.42
N LYS A 320 22.22 16.52 7.38
CA LYS A 320 22.95 16.13 8.55
C LYS A 320 22.00 15.91 9.77
N TYR A 321 20.91 15.17 9.48
CA TYR A 321 19.84 14.94 10.47
C TYR A 321 19.75 13.54 11.04
N LEU A 322 20.71 12.69 10.68
CA LEU A 322 20.56 11.32 11.06
C LEU A 322 20.64 11.07 12.53
N MET A 323 21.47 11.78 13.28
N MET A 323 21.46 11.79 13.25
CA MET A 323 21.46 11.60 14.68
CA MET A 323 21.48 11.61 14.64
C MET A 323 20.20 12.10 15.35
C MET A 323 20.21 12.11 15.34
N ALA A 324 19.68 13.23 14.87
CA ALA A 324 18.39 13.70 15.39
C ALA A 324 17.29 12.68 15.12
N LEU A 325 17.32 12.08 13.92
CA LEU A 325 16.33 11.04 13.57
C LEU A 325 16.47 9.79 14.44
N LYS A 326 17.72 9.42 14.72
CA LYS A 326 18.01 8.32 15.63
C LYS A 326 17.51 8.62 17.02
N ASN A 327 17.71 9.89 17.47
CA ASN A 327 17.22 10.31 18.77
CA ASN A 327 17.25 10.26 18.79
C ASN A 327 15.70 10.13 18.91
N LEU A 328 15.00 10.57 17.86
CA LEU A 328 13.56 10.42 17.87
C LEU A 328 13.11 8.97 17.89
N CYS A 329 13.87 8.12 17.24
CA CYS A 329 13.60 6.69 17.29
C CYS A 329 13.85 6.08 18.67
N ASP A 330 14.96 6.50 19.29
CA ASP A 330 15.34 6.04 20.59
C ASP A 330 14.36 6.50 21.67
N LEU A 331 13.78 7.67 21.47
CA LEU A 331 12.77 8.25 22.38
C LEU A 331 11.41 7.61 22.22
N GLY A 332 11.25 6.80 21.19
CA GLY A 332 9.97 6.18 20.87
C GLY A 332 8.98 7.07 20.15
N ILE A 333 9.43 8.24 19.73
CA ILE A 333 8.52 9.18 19.06
C ILE A 333 8.31 8.80 17.61
N VAL A 334 9.39 8.36 16.98
CA VAL A 334 9.40 7.84 15.64
C VAL A 334 9.79 6.39 15.66
N ASP A 335 9.21 5.61 14.75
CA ASP A 335 9.59 4.23 14.58
C ASP A 335 10.25 4.06 13.20
N PRO A 336 11.36 3.32 13.15
CA PRO A 336 11.97 2.94 11.87
C PRO A 336 11.27 1.68 11.31
N TYR A 337 11.24 1.62 9.98
CA TYR A 337 10.59 0.48 9.26
C TYR A 337 11.58 0.04 8.20
N PRO A 338 12.58 -0.81 8.62
CA PRO A 338 13.59 -1.20 7.68
C PRO A 338 13.06 -2.13 6.54
N PRO A 339 13.83 -2.26 5.47
CA PRO A 339 13.45 -3.25 4.47
C PRO A 339 13.26 -4.64 5.07
N LEU A 340 12.30 -5.33 4.51
CA LEU A 340 11.94 -6.66 4.92
C LEU A 340 12.17 -7.64 3.77
N CYS A 341 13.06 -8.60 4.01
CA CYS A 341 13.63 -9.45 2.94
C CYS A 341 13.63 -10.90 3.35
N ASP A 342 13.29 -11.76 2.38
CA ASP A 342 13.47 -13.20 2.51
C ASP A 342 14.94 -13.54 2.22
N ILE A 343 15.26 -14.82 2.15
CA ILE A 343 16.65 -15.23 2.05
C ILE A 343 17.26 -14.85 0.70
N LYS A 344 18.56 -14.72 0.67
CA LYS A 344 19.27 -14.41 -0.58
C LYS A 344 18.91 -15.45 -1.64
N GLY A 345 18.73 -14.96 -2.86
CA GLY A 345 18.36 -15.85 -3.99
C GLY A 345 16.87 -16.11 -4.17
N SER A 346 16.06 -15.76 -3.19
CA SER A 346 14.62 -15.91 -3.34
C SER A 346 13.96 -14.78 -4.13
N TYR A 347 12.76 -15.10 -4.62
CA TYR A 347 11.96 -14.11 -5.33
C TYR A 347 10.64 -13.90 -4.63
N THR A 348 10.26 -12.63 -4.49
CA THR A 348 9.03 -12.27 -3.81
C THR A 348 8.15 -11.40 -4.71
N ALA A 349 6.87 -11.54 -4.58
CA ALA A 349 5.87 -10.76 -5.36
C ALA A 349 4.76 -10.30 -4.45
N GLN A 350 4.10 -9.17 -4.87
CA GLN A 350 3.06 -8.52 -4.06
C GLN A 350 1.95 -7.93 -4.94
N PHE A 351 0.71 -8.10 -4.49
CA PHE A 351 -0.40 -7.29 -4.98
C PHE A 351 -1.20 -6.85 -3.77
N GLU A 352 -1.82 -5.65 -3.89
CA GLU A 352 -2.51 -5.08 -2.79
C GLU A 352 -3.62 -4.13 -3.30
N HIS A 353 -4.76 -4.15 -2.64
CA HIS A 353 -5.81 -3.16 -2.84
C HIS A 353 -6.36 -2.69 -1.52
N THR A 354 -6.93 -1.47 -1.57
CA THR A 354 -7.72 -0.95 -0.49
C THR A 354 -9.23 -1.22 -0.69
N ILE A 355 -9.90 -1.72 0.33
CA ILE A 355 -11.32 -2.00 0.27
C ILE A 355 -12.06 -1.23 1.37
N LEU A 356 -13.26 -0.76 1.02
CA LEU A 356 -14.15 -0.10 1.95
C LEU A 356 -15.30 -1.00 2.28
N LEU A 357 -15.47 -1.26 3.57
CA LEU A 357 -16.58 -2.12 4.04
C LEU A 357 -17.79 -1.21 4.28
N ARG A 358 -18.39 -0.79 3.19
CA ARG A 358 -19.52 0.14 3.29
C ARG A 358 -20.77 -0.57 3.81
N PRO A 359 -21.68 0.15 4.43
CA PRO A 359 -22.92 -0.53 4.91
C PRO A 359 -23.68 -1.26 3.75
N THR A 360 -23.62 -0.76 2.49
CA THR A 360 -24.43 -1.33 1.42
C THR A 360 -23.70 -2.36 0.52
N CYS A 361 -22.38 -2.36 0.57
CA CYS A 361 -21.58 -3.16 -0.32
C CYS A 361 -20.12 -3.06 0.07
N LYS A 362 -19.33 -3.93 -0.57
CA LYS A 362 -17.89 -3.91 -0.41
C LYS A 362 -17.35 -3.25 -1.63
N GLU A 363 -16.57 -2.20 -1.42
CA GLU A 363 -15.99 -1.47 -2.56
C GLU A 363 -14.50 -1.64 -2.61
N VAL A 364 -14.05 -2.20 -3.72
CA VAL A 364 -12.64 -2.32 -3.98
C VAL A 364 -12.25 -1.01 -4.64
N VAL A 365 -11.98 -0.03 -3.80
CA VAL A 365 -11.92 1.35 -4.23
C VAL A 365 -10.76 1.60 -5.17
N SER A 366 -9.63 0.85 -4.93
CA SER A 366 -8.49 0.97 -5.79
C SER A 366 -8.38 0.06 -7.02
N ARG A 367 -9.45 -0.69 -7.30
CA ARG A 367 -9.50 -1.55 -8.48
C ARG A 367 -9.34 -0.72 -9.73
N GLY A 368 -8.57 -1.20 -10.69
CA GLY A 368 -8.50 -0.62 -12.02
C GLY A 368 -8.75 -1.64 -13.09
N ASP A 369 -8.52 -1.20 -14.32
CA ASP A 369 -8.60 -2.09 -15.49
CA ASP A 369 -8.59 -2.10 -15.49
C ASP A 369 -7.32 -2.93 -15.63
N ASP A 370 -6.31 -2.55 -14.87
CA ASP A 370 -5.02 -3.18 -14.87
C ASP A 370 -4.98 -4.38 -13.87
N TYR A 371 -5.39 -4.13 -12.64
CA TYR A 371 -5.44 -5.14 -11.58
C TYR A 371 -6.44 -4.76 -10.50
O3 94A B . 3.10 -7.04 8.10
C9 94A B . 3.91 -6.10 8.21
N2 94A B . 5.04 -6.05 8.97
C10 94A B . 5.47 -7.12 9.87
C11 94A B . 5.14 -6.75 11.33
C12 94A B . 6.93 -7.49 9.64
O2 94A B . 3.64 -4.98 7.35
C1 94A B . 2.48 -5.01 6.44
C3 94A B . 2.04 -3.62 6.40
N5 94A B . 1.43 -2.94 7.43
N6 94A B . 1.30 -1.69 6.89
N1 94A B . 1.84 -1.58 5.61
C2 94A B . 2.30 -2.82 5.35
C5 94A B . 2.93 -3.14 4.03
C8 94A B . 1.81 -3.21 2.94
O1 94A B . 3.87 -2.13 3.67
C7 94A B . 3.69 -4.47 4.28
C6 94A B . 2.90 -5.51 5.07
C4 94A B . 1.80 -0.28 4.93
C19 94A B . 3.00 0.61 5.33
C20 94A B . 3.46 0.65 6.61
C21 94A B . 4.49 1.56 6.90
C22 94A B . 5.10 2.32 5.89
O25 94A B . 6.10 3.25 6.05
C25 94A B . 6.55 3.44 7.42
C23 94A B . 4.65 2.32 4.59
C24 94A B . 3.60 1.42 4.34
CO CO C . 1.06 -0.95 0.19
CO CO D . -0.43 -2.07 3.08
O TBU E . 7.39 -9.86 -18.23
O TBU E . 6.80 -10.33 -20.02
C TBU E . 6.49 -9.16 -19.09
C TBU E . 6.46 -9.43 -18.96
C1 TBU E . 5.11 -9.22 -18.47
C1 TBU E . 6.81 -8.01 -19.39
C2 TBU E . 6.91 -7.69 -19.34
C2 TBU E . 4.98 -9.53 -18.63
C3 TBU E . 6.54 -9.90 -20.42
C3 TBU E . 7.26 -9.89 -17.77
O TBU F . 12.83 -4.42 -20.94
C TBU F . 13.03 -5.09 -22.25
C1 TBU F . 12.68 -6.56 -22.10
C2 TBU F . 11.96 -4.49 -23.16
C3 TBU F . 14.41 -4.91 -22.71
#